data_5LQ5
#
_entry.id   5LQ5
#
_cell.length_a   46.330
_cell.length_b   57.610
_cell.length_c   54.790
_cell.angle_alpha   90.00
_cell.angle_beta   107.15
_cell.angle_gamma   90.00
#
_symmetry.space_group_name_H-M   'P 1 21 1'
#
loop_
_entity.id
_entity.type
_entity.pdbx_description
1 polymer 'Putative phosphonate binding protein for ABC transporter'
2 non-polymer 'PHOSPHITE ION'
3 water water
#
_entity_poly.entity_id   1
_entity_poly.type   'polypeptide(L)'
_entity_poly.pdbx_seq_one_letter_code
;MNPKVLKVGAIPDQNQDVLDKRFNLFSKELSKQLDVEVKYIPVINYIAAVTGFRTKDLDLVWFGGLSGVQARLQTPNSIV
IAQRDIDKEFKSVFVVNKNLELNSISNIKGLKKLKNLRFTFGSENSTSGRLMPEYFLNQAGVEIKHFKGKKAGFSGSHDA
TIALVNSGAFDAGALNKQVWENNLKNNPKRTSNLELFWITPEYVDYHWVAQGDLENRFGEGFTKELKSVILNLDIKQKSH
KQILDMFNAKRFIKAESKQYKNIEEIGRKLNKIRLEHHHHHH
;
_entity_poly.pdbx_strand_id   A
#
loop_
_chem_comp.id
_chem_comp.type
_chem_comp.name
_chem_comp.formula
PO3 non-polymer 'PHOSPHITE ION' 'O3 P -3'
#
# COMPACT_ATOMS: atom_id res chain seq x y z
N ASN A 2 -1.12 -20.11 -17.18
CA ASN A 2 -1.57 -19.68 -18.54
C ASN A 2 -0.81 -18.44 -19.03
N PRO A 3 0.10 -18.64 -19.99
CA PRO A 3 0.95 -17.54 -20.42
C PRO A 3 0.26 -16.50 -21.29
N LYS A 4 -0.91 -16.79 -21.85
CA LYS A 4 -1.58 -15.81 -22.71
C LYS A 4 -2.54 -14.88 -21.96
N VAL A 5 -2.69 -15.10 -20.67
CA VAL A 5 -3.49 -14.19 -19.83
C VAL A 5 -2.55 -13.28 -19.05
N LEU A 6 -2.81 -11.98 -19.10
CA LEU A 6 -2.09 -10.99 -18.29
C LEU A 6 -2.77 -10.95 -16.90
N LYS A 7 -2.00 -11.31 -15.88
CA LYS A 7 -2.53 -11.56 -14.55
C LYS A 7 -2.13 -10.39 -13.67
N VAL A 8 -3.14 -9.67 -13.20
CA VAL A 8 -3.03 -8.49 -12.35
C VAL A 8 -3.18 -8.90 -10.90
N GLY A 9 -2.28 -8.39 -10.07
CA GLY A 9 -2.35 -8.62 -8.61
C GLY A 9 -2.17 -7.30 -7.85
N ALA A 10 -2.30 -7.40 -6.55
CA ALA A 10 -2.19 -6.25 -5.68
C ALA A 10 -1.99 -6.69 -4.24
N ILE A 11 -1.19 -5.93 -3.50
CA ILE A 11 -1.13 -6.15 -2.05
C ILE A 11 -2.54 -5.95 -1.46
N PRO A 12 -2.96 -6.82 -0.53
CA PRO A 12 -4.31 -6.74 0.04
C PRO A 12 -4.36 -5.76 1.21
N ASP A 13 -4.29 -4.48 0.85
CA ASP A 13 -4.09 -3.36 1.81
C ASP A 13 -5.41 -2.79 2.34
N GLN A 14 -6.51 -3.28 1.75
CA GLN A 14 -7.88 -2.88 2.06
C GLN A 14 -8.78 -4.11 1.98
N ASN A 15 -10.03 -3.97 2.41
CA ASN A 15 -10.98 -5.05 2.35
C ASN A 15 -11.16 -5.54 0.91
N GLN A 16 -11.41 -6.83 0.78
CA GLN A 16 -11.48 -7.47 -0.54
C GLN A 16 -12.56 -6.88 -1.46
N ASP A 17 -13.67 -6.42 -0.90
CA ASP A 17 -14.72 -5.77 -1.72
C ASP A 17 -14.20 -4.54 -2.53
N VAL A 18 -13.41 -3.73 -1.88
CA VAL A 18 -12.75 -2.55 -2.49
C VAL A 18 -11.76 -3.01 -3.56
N LEU A 19 -10.96 -4.01 -3.22
CA LEU A 19 -9.92 -4.50 -4.14
C LEU A 19 -10.52 -5.11 -5.38
N ASP A 20 -11.55 -5.95 -5.18
CA ASP A 20 -12.24 -6.58 -6.32
C ASP A 20 -12.76 -5.51 -7.28
N LYS A 21 -13.44 -4.52 -6.73
CA LYS A 21 -14.04 -3.46 -7.58
C LYS A 21 -12.98 -2.70 -8.41
N ARG A 22 -11.95 -2.24 -7.71
CA ARG A 22 -10.82 -1.51 -8.30
C ARG A 22 -10.12 -2.32 -9.35
N PHE A 23 -9.65 -3.50 -8.98
CA PHE A 23 -8.76 -4.25 -9.88
C PHE A 23 -9.47 -4.96 -11.02
N ASN A 24 -10.73 -5.28 -10.81
CA ASN A 24 -11.54 -5.81 -11.93
C ASN A 24 -11.81 -4.68 -12.96
N LEU A 25 -12.14 -3.48 -12.51
CA LEU A 25 -12.40 -2.36 -13.45
C LEU A 25 -11.13 -1.99 -14.25
N PHE A 26 -10.01 -1.95 -13.53
CA PHE A 26 -8.68 -1.71 -14.13
C PHE A 26 -8.37 -2.75 -15.20
N SER A 27 -8.55 -4.01 -14.86
CA SER A 27 -8.26 -5.13 -15.76
C SER A 27 -9.10 -5.07 -17.04
N LYS A 28 -10.35 -4.70 -16.90
CA LYS A 28 -11.25 -4.63 -18.06
C LYS A 28 -10.82 -3.53 -19.03
N GLU A 29 -10.37 -2.41 -18.51
CA GLU A 29 -9.90 -1.29 -19.32
C GLU A 29 -8.58 -1.67 -20.02
N LEU A 30 -7.63 -2.25 -19.28
CA LEU A 30 -6.40 -2.76 -19.92
C LEU A 30 -6.68 -3.74 -21.05
N SER A 31 -7.62 -4.64 -20.81
CA SER A 31 -7.96 -5.64 -21.80
C SER A 31 -8.49 -5.01 -23.10
N LYS A 32 -9.32 -3.99 -22.95
CA LYS A 32 -9.87 -3.28 -24.12
C LYS A 32 -8.76 -2.59 -24.94
N GLN A 33 -7.86 -1.89 -24.25
CA GLN A 33 -6.80 -1.13 -24.90
C GLN A 33 -5.64 -1.95 -25.44
N LEU A 34 -5.28 -3.01 -24.72
CA LEU A 34 -4.19 -3.93 -25.14
C LEU A 34 -4.60 -5.10 -26.02
N ASP A 35 -5.91 -5.35 -26.11
CA ASP A 35 -6.47 -6.46 -26.91
C ASP A 35 -5.86 -7.81 -26.49
N VAL A 36 -5.82 -8.03 -25.18
CA VAL A 36 -5.43 -9.33 -24.61
C VAL A 36 -6.34 -9.58 -23.41
N GLU A 37 -6.43 -10.84 -23.00
CA GLU A 37 -7.13 -11.25 -21.78
C GLU A 37 -6.37 -10.76 -20.57
N VAL A 38 -7.09 -10.11 -19.66
CA VAL A 38 -6.55 -9.61 -18.39
C VAL A 38 -7.47 -10.07 -17.25
N LYS A 39 -6.87 -10.56 -16.16
CA LYS A 39 -7.61 -11.12 -15.03
C LYS A 39 -6.96 -10.69 -13.71
N TYR A 40 -7.76 -10.12 -12.80
CA TYR A 40 -7.30 -9.82 -11.43
C TYR A 40 -7.35 -11.12 -10.61
N ILE A 41 -6.24 -11.44 -9.97
CA ILE A 41 -6.07 -12.65 -9.14
C ILE A 41 -5.79 -12.22 -7.69
N PRO A 42 -6.79 -12.28 -6.78
CA PRO A 42 -6.54 -11.95 -5.36
C PRO A 42 -5.53 -12.86 -4.67
N VAL A 43 -4.88 -12.31 -3.65
CA VAL A 43 -3.99 -13.08 -2.78
C VAL A 43 -4.37 -12.91 -1.32
N ILE A 44 -3.87 -13.80 -0.47
CA ILE A 44 -4.27 -13.78 0.95
C ILE A 44 -3.55 -12.74 1.81
N ASN A 45 -2.31 -12.36 1.45
CA ASN A 45 -1.51 -11.43 2.29
C ASN A 45 -0.40 -10.78 1.46
N TYR A 46 0.35 -9.85 2.08
CA TYR A 46 1.39 -9.15 1.34
C TYR A 46 2.49 -10.10 0.87
N ILE A 47 2.83 -11.10 1.68
CA ILE A 47 3.87 -12.04 1.29
C ILE A 47 3.45 -12.77 0.03
N ALA A 48 2.20 -13.14 -0.02
CA ALA A 48 1.65 -13.88 -1.19
C ALA A 48 1.73 -13.04 -2.47
N ALA A 49 1.61 -11.73 -2.34
CA ALA A 49 1.77 -10.86 -3.52
C ALA A 49 3.19 -10.89 -4.06
N VAL A 50 4.15 -10.83 -3.13
CA VAL A 50 5.57 -10.90 -3.49
C VAL A 50 5.89 -12.28 -4.08
N THR A 51 5.45 -13.32 -3.39
CA THR A 51 5.81 -14.68 -3.85
C THR A 51 5.07 -15.04 -5.17
N GLY A 52 3.83 -14.58 -5.33
CA GLY A 52 3.08 -14.82 -6.58
C GLY A 52 3.77 -14.12 -7.76
N PHE A 53 4.37 -12.98 -7.48
CA PHE A 53 5.13 -12.26 -8.52
C PHE A 53 6.39 -13.05 -8.84
N ARG A 54 7.13 -13.48 -7.79
CA ARG A 54 8.35 -14.27 -7.98
C ARG A 54 8.10 -15.55 -8.79
N THR A 55 6.99 -16.25 -8.52
CA THR A 55 6.65 -17.52 -9.22
C THR A 55 5.95 -17.33 -10.57
N LYS A 56 5.70 -16.08 -10.94
CA LYS A 56 5.08 -15.72 -12.24
C LYS A 56 3.59 -16.11 -12.32
N ASP A 57 2.99 -16.27 -11.15
CA ASP A 57 1.53 -16.39 -11.05
C ASP A 57 0.86 -15.03 -11.25
N LEU A 58 1.63 -13.96 -11.08
CA LEU A 58 1.18 -12.57 -11.26
C LEU A 58 2.16 -11.81 -12.18
N ASP A 59 1.61 -11.07 -13.14
CA ASP A 59 2.40 -10.36 -14.14
C ASP A 59 2.59 -8.87 -13.91
N LEU A 60 1.59 -8.24 -13.33
CA LEU A 60 1.51 -6.81 -13.15
C LEU A 60 0.84 -6.58 -11.80
N VAL A 61 1.56 -6.00 -10.87
CA VAL A 61 1.13 -5.94 -9.46
C VAL A 61 1.26 -4.54 -8.88
N TRP A 62 0.20 -4.11 -8.22
CA TRP A 62 0.15 -2.89 -7.41
C TRP A 62 0.76 -3.18 -6.04
N PHE A 63 2.02 -2.78 -5.90
CA PHE A 63 2.80 -2.99 -4.69
C PHE A 63 2.87 -1.72 -3.84
N GLY A 64 3.14 -1.89 -2.54
CA GLY A 64 3.59 -0.84 -1.69
C GLY A 64 5.09 -0.63 -1.90
N GLY A 65 5.66 0.38 -1.23
CA GLY A 65 7.10 0.65 -1.36
C GLY A 65 7.97 -0.52 -0.96
N LEU A 66 7.73 -1.00 0.28
CA LEU A 66 8.53 -2.11 0.81
C LEU A 66 8.31 -3.39 0.04
N SER A 67 7.04 -3.74 -0.18
CA SER A 67 6.77 -5.02 -0.85
C SER A 67 7.24 -4.99 -2.32
N GLY A 68 7.18 -3.81 -2.95
CA GLY A 68 7.70 -3.70 -4.31
C GLY A 68 9.23 -3.85 -4.38
N VAL A 69 9.92 -3.27 -3.40
CA VAL A 69 11.38 -3.48 -3.25
C VAL A 69 11.69 -4.96 -3.05
N GLN A 70 10.95 -5.60 -2.16
CA GLN A 70 11.13 -7.03 -1.89
C GLN A 70 10.94 -7.85 -3.17
N ALA A 71 9.83 -7.57 -3.86
CA ALA A 71 9.53 -8.29 -5.08
C ALA A 71 10.60 -8.15 -6.16
N ARG A 72 11.09 -6.93 -6.33
CA ARG A 72 12.14 -6.66 -7.33
C ARG A 72 13.52 -7.25 -6.96
N LEU A 73 13.80 -7.39 -5.67
CA LEU A 73 14.99 -8.07 -5.23
C LEU A 73 14.91 -9.58 -5.52
N GLN A 74 13.74 -10.17 -5.25
CA GLN A 74 13.49 -11.61 -5.44
C GLN A 74 13.32 -11.99 -6.90
N THR A 75 12.96 -11.01 -7.69
CA THR A 75 12.59 -11.17 -9.10
C THR A 75 13.37 -10.17 -9.97
N PRO A 76 14.65 -10.49 -10.29
CA PRO A 76 15.49 -9.64 -11.08
C PRO A 76 14.94 -9.25 -12.46
N ASN A 77 15.27 -8.02 -12.84
CA ASN A 77 15.00 -7.53 -14.19
C ASN A 77 13.51 -7.28 -14.43
N SER A 78 12.78 -7.19 -13.34
N SER A 78 12.77 -7.20 -13.34
CA SER A 78 11.41 -6.74 -13.39
C SER A 78 11.43 -5.23 -13.61
C SER A 78 11.42 -5.23 -13.59
N ILE A 79 10.26 -4.69 -13.92
CA ILE A 79 10.13 -3.30 -14.37
C ILE A 79 9.20 -2.47 -13.50
N VAL A 80 9.68 -1.34 -13.00
CA VAL A 80 8.84 -0.30 -12.41
C VAL A 80 8.10 0.45 -13.50
N ILE A 81 6.76 0.43 -13.40
CA ILE A 81 5.88 0.94 -14.48
C ILE A 81 5.33 2.34 -14.24
N ALA A 82 4.73 2.56 -13.10
CA ALA A 82 4.00 3.80 -12.80
C ALA A 82 3.68 3.94 -11.30
N GLN A 83 3.30 5.13 -10.90
CA GLN A 83 2.85 5.45 -9.55
C GLN A 83 1.82 6.56 -9.68
N ARG A 84 1.26 6.99 -8.56
CA ARG A 84 0.44 8.22 -8.47
C ARG A 84 1.30 9.40 -8.02
N ASP A 85 0.82 10.62 -8.25
CA ASP A 85 1.53 11.79 -7.73
C ASP A 85 1.75 11.69 -6.23
N ILE A 86 0.72 11.27 -5.52
CA ILE A 86 0.79 11.13 -4.05
C ILE A 86 1.84 10.12 -3.54
N ASP A 87 2.12 9.13 -4.36
CA ASP A 87 3.14 8.14 -3.98
C ASP A 87 4.57 8.66 -3.88
N LYS A 88 4.85 9.81 -4.49
CA LYS A 88 6.12 10.51 -4.27
C LYS A 88 6.25 11.21 -2.91
N GLU A 89 5.11 11.57 -2.33
CA GLU A 89 5.00 12.33 -1.06
C GLU A 89 3.92 11.75 -0.13
N PHE A 90 4.05 10.43 0.10
CA PHE A 90 3.03 9.66 0.81
C PHE A 90 3.21 9.84 2.32
N LYS A 91 2.11 9.72 3.04
CA LYS A 91 2.07 9.88 4.49
C LYS A 91 1.24 8.81 5.20
N SER A 92 1.62 8.55 6.44
CA SER A 92 0.81 7.76 7.36
C SER A 92 0.10 8.68 8.35
N VAL A 93 -0.90 8.10 8.98
CA VAL A 93 -1.53 8.65 10.17
C VAL A 93 -1.46 7.66 11.31
N PHE A 94 -1.24 8.23 12.48
CA PHE A 94 -1.49 7.56 13.73
C PHE A 94 -2.88 7.96 14.21
N VAL A 95 -3.67 6.98 14.61
CA VAL A 95 -5.01 7.17 15.14
C VAL A 95 -5.13 6.57 16.53
N VAL A 96 -6.01 7.17 17.33
CA VAL A 96 -6.29 6.71 18.68
C VAL A 96 -7.78 6.59 18.93
N ASN A 97 -8.13 5.66 19.82
CA ASN A 97 -9.50 5.47 20.24
C ASN A 97 -9.86 6.66 21.14
N LYS A 98 -11.05 7.21 20.92
CA LYS A 98 -11.57 8.36 21.71
C LYS A 98 -11.62 8.15 23.19
N ASN A 99 -11.83 6.91 23.60
CA ASN A 99 -11.91 6.58 25.03
C ASN A 99 -10.65 6.92 25.83
N LEU A 100 -9.53 7.12 25.16
CA LEU A 100 -8.28 7.48 25.86
C LEU A 100 -8.21 8.95 26.25
N GLU A 101 -9.01 9.75 25.58
CA GLU A 101 -9.00 11.22 25.76
C GLU A 101 -7.60 11.79 25.60
N LEU A 102 -6.90 11.29 24.60
CA LEU A 102 -5.54 11.73 24.32
C LEU A 102 -5.59 12.81 23.28
N ASN A 103 -4.96 13.94 23.57
CA ASN A 103 -4.89 15.04 22.62
C ASN A 103 -3.93 14.74 21.50
N SER A 104 -4.27 15.20 20.30
CA SER A 104 -3.38 15.11 19.12
C SER A 104 -2.07 15.84 19.36
N ILE A 105 -1.07 15.42 18.63
CA ILE A 105 0.28 15.97 18.70
C ILE A 105 0.68 16.64 17.38
N SER A 106 1.63 17.54 17.49
CA SER A 106 2.13 18.37 16.35
C SER A 106 3.65 18.28 16.20
N ASN A 107 4.24 17.33 16.92
CA ASN A 107 5.67 17.06 16.86
C ASN A 107 5.90 15.56 17.06
N ILE A 108 6.87 15.01 16.33
CA ILE A 108 7.20 13.57 16.42
C ILE A 108 7.48 13.06 17.86
N LYS A 109 8.07 13.90 18.71
CA LYS A 109 8.42 13.50 20.09
C LYS A 109 7.19 13.11 20.96
N GLY A 110 6.03 13.64 20.56
CA GLY A 110 4.72 13.32 21.17
C GLY A 110 4.30 11.85 21.05
N LEU A 111 4.94 11.13 20.13
CA LEU A 111 4.67 9.68 20.00
C LEU A 111 5.01 8.89 21.28
N LYS A 112 5.84 9.46 22.16
CA LYS A 112 6.06 8.90 23.51
C LYS A 112 4.77 8.66 24.30
N LYS A 113 3.73 9.42 23.99
CA LYS A 113 2.40 9.25 24.65
C LYS A 113 1.75 7.88 24.30
N LEU A 114 2.31 7.18 23.32
CA LEU A 114 1.79 5.85 22.95
C LEU A 114 2.36 4.68 23.73
N LYS A 115 3.38 4.96 24.53
CA LYS A 115 3.97 3.93 25.39
C LYS A 115 2.92 3.38 26.37
N ASN A 116 3.03 2.09 26.67
CA ASN A 116 2.11 1.36 27.57
C ASN A 116 0.64 1.35 27.09
N LEU A 117 0.45 1.54 25.78
CA LEU A 117 -0.86 1.36 25.16
C LEU A 117 -0.82 0.10 24.32
N ARG A 118 -2.00 -0.42 24.02
CA ARG A 118 -2.16 -1.52 23.08
C ARG A 118 -2.12 -0.95 21.66
N PHE A 119 -1.10 -1.31 20.88
CA PHE A 119 -0.82 -0.66 19.58
C PHE A 119 -0.81 -1.72 18.48
N THR A 120 -1.46 -1.40 17.37
CA THR A 120 -1.40 -2.28 16.17
C THR A 120 -0.88 -1.51 14.92
N PHE A 121 0.02 -2.16 14.23
CA PHE A 121 0.40 -1.82 12.89
C PHE A 121 -0.55 -2.52 11.91
N GLY A 122 -0.39 -2.20 10.65
CA GLY A 122 -0.95 -2.98 9.56
C GLY A 122 -0.15 -4.25 9.28
N SER A 123 -0.09 -4.64 8.01
CA SER A 123 0.76 -5.77 7.64
C SER A 123 2.19 -5.60 8.12
N GLU A 124 2.81 -6.71 8.48
CA GLU A 124 4.23 -6.67 8.86
C GLU A 124 5.07 -6.07 7.73
N ASN A 125 4.60 -6.20 6.46
CA ASN A 125 5.32 -5.75 5.27
C ASN A 125 4.76 -4.50 4.65
N SER A 126 3.94 -3.80 5.41
CA SER A 126 3.35 -2.50 4.96
C SER A 126 4.30 -1.31 5.15
N THR A 127 4.45 -0.52 4.10
CA THR A 127 5.21 0.71 4.15
C THR A 127 4.56 1.74 5.08
N SER A 128 3.31 2.09 4.75
CA SER A 128 2.54 3.11 5.46
C SER A 128 1.88 2.64 6.76
N GLY A 129 1.81 1.33 6.92
CA GLY A 129 1.18 0.72 8.09
C GLY A 129 2.14 0.07 9.05
N ARG A 130 3.41 -0.02 8.66
CA ARG A 130 4.40 -0.65 9.56
C ARG A 130 5.78 -0.02 9.47
N LEU A 131 6.41 -0.08 8.30
CA LEU A 131 7.82 0.28 8.17
C LEU A 131 8.04 1.73 8.62
N MET A 132 7.32 2.63 7.98
CA MET A 132 7.52 4.04 8.28
C MET A 132 7.01 4.42 9.68
N PRO A 133 5.83 3.92 10.09
CA PRO A 133 5.41 4.14 11.49
C PRO A 133 6.44 3.69 12.53
N GLU A 134 7.02 2.50 12.35
CA GLU A 134 8.07 2.01 13.26
C GLU A 134 9.32 2.91 13.25
N TYR A 135 9.75 3.28 12.06
CA TYR A 135 10.86 4.23 11.90
C TYR A 135 10.63 5.51 12.71
N PHE A 136 9.46 6.09 12.56
CA PHE A 136 9.12 7.35 13.27
C PHE A 136 8.98 7.17 14.77
N LEU A 137 8.36 6.07 15.17
CA LEU A 137 8.26 5.72 16.60
C LEU A 137 9.66 5.65 17.21
N ASN A 138 10.54 4.95 16.52
CA ASN A 138 11.93 4.78 16.97
C ASN A 138 12.67 6.10 17.10
N GLN A 139 12.41 7.02 16.18
CA GLN A 139 13.00 8.36 16.25
C GLN A 139 12.55 9.12 17.48
N ALA A 140 11.30 8.88 17.89
CA ALA A 140 10.74 9.41 19.19
C ALA A 140 11.17 8.65 20.47
N GLY A 141 12.00 7.63 20.33
CA GLY A 141 12.41 6.78 21.45
C GLY A 141 11.45 5.70 21.86
N VAL A 142 10.45 5.43 20.97
CA VAL A 142 9.45 4.38 21.20
C VAL A 142 9.84 3.14 20.39
N GLU A 143 9.92 2.01 21.08
CA GLU A 143 10.18 0.69 20.48
C GLU A 143 8.98 -0.20 20.77
N ILE A 144 8.84 -1.26 19.98
CA ILE A 144 7.73 -2.22 20.17
C ILE A 144 7.62 -2.77 21.61
N LYS A 145 8.76 -3.02 22.23
CA LYS A 145 8.76 -3.52 23.61
C LYS A 145 8.11 -2.57 24.65
N HIS A 146 7.91 -1.32 24.28
CA HIS A 146 7.28 -0.30 25.16
C HIS A 146 5.76 -0.34 25.16
N PHE A 147 5.18 -1.04 24.22
CA PHE A 147 3.74 -1.18 24.18
C PHE A 147 3.24 -2.15 25.23
N LYS A 148 1.96 -2.00 25.56
CA LYS A 148 1.25 -2.94 26.45
C LYS A 148 1.45 -4.36 25.88
N GLY A 149 1.93 -5.27 26.72
CA GLY A 149 2.27 -6.64 26.27
C GLY A 149 3.64 -6.86 25.63
N LYS A 150 4.42 -5.78 25.54
CA LYS A 150 5.79 -5.74 24.94
C LYS A 150 5.79 -6.24 23.49
N LYS A 151 4.65 -6.02 22.85
CA LYS A 151 4.46 -6.43 21.46
C LYS A 151 3.46 -5.50 20.80
N ALA A 152 3.47 -5.54 19.47
CA ALA A 152 2.51 -4.79 18.67
C ALA A 152 1.71 -5.76 17.88
N GLY A 153 0.47 -5.37 17.60
CA GLY A 153 -0.35 -6.13 16.64
C GLY A 153 0.09 -5.83 15.18
N PHE A 154 -0.24 -6.76 14.28
CA PHE A 154 -0.09 -6.60 12.84
C PHE A 154 -1.43 -7.04 12.24
N SER A 155 -2.20 -6.06 11.78
CA SER A 155 -3.58 -6.31 11.39
C SER A 155 -3.70 -6.89 9.99
N GLY A 156 -2.67 -6.67 9.17
CA GLY A 156 -2.67 -7.10 7.76
C GLY A 156 -3.21 -6.15 6.71
N SER A 157 -3.91 -5.12 7.13
CA SER A 157 -4.48 -4.19 6.15
C SER A 157 -4.85 -2.89 6.83
N HIS A 158 -4.94 -1.84 6.01
CA HIS A 158 -5.27 -0.52 6.57
C HIS A 158 -6.72 -0.50 7.08
N ASP A 159 -7.62 -1.16 6.35
CA ASP A 159 -9.05 -1.21 6.81
C ASP A 159 -9.13 -2.00 8.14
N ALA A 160 -8.32 -3.06 8.25
CA ALA A 160 -8.35 -3.85 9.48
C ALA A 160 -7.77 -3.11 10.70
N THR A 161 -6.78 -2.25 10.47
CA THR A 161 -6.23 -1.42 11.53
C THR A 161 -7.29 -0.47 12.08
N ILE A 162 -8.00 0.19 11.17
CA ILE A 162 -9.10 1.09 11.56
C ILE A 162 -10.10 0.31 12.42
N ALA A 163 -10.48 -0.88 11.95
CA ALA A 163 -11.55 -1.65 12.62
C ALA A 163 -11.15 -2.06 14.03
N LEU A 164 -9.88 -2.42 14.20
CA LEU A 164 -9.35 -2.85 15.49
C LEU A 164 -9.28 -1.71 16.51
N VAL A 165 -8.82 -0.53 16.06
CA VAL A 165 -8.73 0.60 16.99
C VAL A 165 -10.16 1.10 17.27
N ASN A 166 -11.00 1.14 16.23
CA ASN A 166 -12.40 1.58 16.38
C ASN A 166 -13.21 0.75 17.37
N SER A 167 -12.95 -0.56 17.40
CA SER A 167 -13.68 -1.46 18.33
C SER A 167 -13.19 -1.43 19.77
N GLY A 168 -12.01 -0.88 19.96
CA GLY A 168 -11.30 -0.89 21.27
C GLY A 168 -10.47 -2.14 21.53
N ALA A 169 -10.31 -2.98 20.51
CA ALA A 169 -9.38 -4.13 20.63
C ALA A 169 -7.94 -3.66 20.83
N PHE A 170 -7.62 -2.53 20.19
CA PHE A 170 -6.38 -1.80 20.39
C PHE A 170 -6.70 -0.36 20.72
N ASP A 171 -5.78 0.29 21.40
CA ASP A 171 -5.91 1.71 21.75
C ASP A 171 -5.50 2.70 20.65
N ALA A 172 -4.56 2.25 19.80
CA ALA A 172 -3.91 3.10 18.83
C ALA A 172 -3.40 2.26 17.69
N GLY A 173 -3.19 2.89 16.55
CA GLY A 173 -2.59 2.23 15.39
C GLY A 173 -2.11 3.23 14.34
N ALA A 174 -1.48 2.71 13.31
CA ALA A 174 -0.98 3.50 12.20
C ALA A 174 -1.38 2.93 10.87
N LEU A 175 -1.66 3.82 9.93
CA LEU A 175 -2.11 3.39 8.61
C LEU A 175 -1.87 4.43 7.52
N ASN A 176 -2.08 3.98 6.29
CA ASN A 176 -2.17 4.77 5.05
C ASN A 176 -3.12 5.98 5.25
N LYS A 177 -2.66 7.20 5.00
CA LYS A 177 -3.48 8.42 5.27
C LYS A 177 -4.67 8.54 4.30
N GLN A 178 -4.46 8.15 3.03
CA GLN A 178 -5.55 8.12 2.04
C GLN A 178 -6.70 7.18 2.43
N VAL A 179 -6.35 6.03 2.97
CA VAL A 179 -7.35 5.06 3.40
C VAL A 179 -8.14 5.61 4.59
N TRP A 180 -7.44 6.25 5.52
CA TRP A 180 -8.06 6.89 6.67
C TRP A 180 -9.09 7.93 6.20
N GLU A 181 -8.67 8.78 5.26
CA GLU A 181 -9.59 9.81 4.70
C GLU A 181 -10.79 9.23 3.95
N ASN A 182 -10.55 8.20 3.14
CA ASN A 182 -11.65 7.49 2.43
C ASN A 182 -12.71 6.93 3.37
N ASN A 183 -12.25 6.37 4.47
CA ASN A 183 -13.16 5.78 5.46
C ASN A 183 -13.95 6.84 6.22
N LEU A 184 -13.27 7.92 6.55
CA LEU A 184 -13.83 9.06 7.28
C LEU A 184 -15.01 9.72 6.56
N LYS A 185 -14.95 9.67 5.24
CA LYS A 185 -15.95 10.32 4.40
C LYS A 185 -17.03 9.40 3.90
N ASN A 186 -16.61 8.25 3.45
CA ASN A 186 -17.53 7.26 2.85
C ASN A 186 -17.99 6.09 3.76
N ASN A 187 -17.36 5.91 4.91
CA ASN A 187 -17.74 4.85 5.84
C ASN A 187 -17.57 5.34 7.28
N PRO A 188 -18.22 6.47 7.59
CA PRO A 188 -18.10 7.13 8.89
C PRO A 188 -18.45 6.26 10.11
N LYS A 189 -19.26 5.22 9.96
CA LYS A 189 -19.57 4.32 11.10
C LYS A 189 -18.33 3.49 11.55
N ARG A 190 -17.42 3.30 10.62
CA ARG A 190 -16.21 2.54 10.91
C ARG A 190 -15.17 3.33 11.65
N THR A 191 -15.39 4.63 11.74
CA THR A 191 -14.42 5.56 12.32
C THR A 191 -14.99 6.36 13.48
N SER A 192 -16.22 6.00 13.91
CA SER A 192 -16.97 6.69 14.97
C SER A 192 -16.22 6.88 16.27
N ASN A 193 -15.37 5.92 16.61
CA ASN A 193 -14.65 5.96 17.91
C ASN A 193 -13.20 6.35 17.79
N LEU A 194 -12.83 6.86 16.61
CA LEU A 194 -11.44 7.25 16.30
C LEU A 194 -11.19 8.71 16.09
N GLU A 195 -10.00 9.09 16.51
CA GLU A 195 -9.48 10.45 16.34
C GLU A 195 -8.10 10.39 15.71
N LEU A 196 -7.83 11.34 14.82
CA LEU A 196 -6.47 11.57 14.30
C LEU A 196 -5.55 12.03 15.41
N PHE A 197 -4.42 11.37 15.51
CA PHE A 197 -3.37 11.63 16.53
C PHE A 197 -2.17 12.37 15.98
N TRP A 198 -1.65 11.88 14.86
CA TRP A 198 -0.47 12.47 14.20
C TRP A 198 -0.40 12.13 12.73
N ILE A 199 0.04 13.09 11.93
CA ILE A 199 0.37 12.90 10.51
C ILE A 199 1.90 12.90 10.37
N THR A 200 2.42 11.87 9.71
CA THR A 200 3.87 11.71 9.53
C THR A 200 4.50 12.58 8.45
N PRO A 201 5.84 12.69 8.45
CA PRO A 201 6.54 13.17 7.27
C PRO A 201 6.31 12.28 6.05
N GLU A 202 6.67 12.83 4.91
CA GLU A 202 6.52 12.17 3.59
C GLU A 202 7.60 11.15 3.28
N TYR A 203 7.21 10.18 2.45
CA TYR A 203 8.10 9.10 1.98
C TYR A 203 7.48 8.56 0.67
N VAL A 204 8.20 7.67 -0.02
CA VAL A 204 7.70 7.08 -1.28
C VAL A 204 6.92 5.80 -0.98
N ASP A 205 5.89 5.49 -1.75
CA ASP A 205 5.09 4.29 -1.47
C ASP A 205 4.68 3.51 -2.73
N TYR A 206 3.40 3.58 -3.10
CA TYR A 206 2.85 2.59 -4.02
C TYR A 206 3.34 2.73 -5.44
N HIS A 207 3.41 1.60 -6.13
CA HIS A 207 3.80 1.54 -7.53
C HIS A 207 3.47 0.23 -8.20
N TRP A 208 3.23 0.32 -9.51
CA TRP A 208 3.04 -0.82 -10.38
C TRP A 208 4.38 -1.40 -10.77
N VAL A 209 4.45 -2.72 -10.73
CA VAL A 209 5.60 -3.50 -11.13
C VAL A 209 5.17 -4.55 -12.14
N ALA A 210 5.91 -4.68 -13.24
CA ALA A 210 5.63 -5.70 -14.26
C ALA A 210 6.80 -6.68 -14.40
N GLN A 211 6.49 -7.90 -14.81
CA GLN A 211 7.48 -8.90 -15.20
C GLN A 211 8.32 -8.35 -16.36
N GLY A 212 9.56 -8.80 -16.38
CA GLY A 212 10.53 -8.42 -17.40
C GLY A 212 10.41 -9.18 -18.71
N ASP A 213 9.62 -10.23 -18.72
CA ASP A 213 9.55 -11.13 -19.90
C ASP A 213 8.29 -11.07 -20.72
N LEU A 214 7.55 -9.99 -20.59
CA LEU A 214 6.25 -9.94 -21.23
C LEU A 214 6.29 -10.03 -22.74
N GLU A 215 7.34 -9.50 -23.35
CA GLU A 215 7.53 -9.55 -24.83
C GLU A 215 7.50 -10.95 -25.42
N ASN A 216 8.08 -11.91 -24.71
CA ASN A 216 8.07 -13.30 -25.20
C ASN A 216 6.68 -13.92 -25.29
N ARG A 217 5.76 -13.44 -24.46
CA ARG A 217 4.37 -13.94 -24.47
C ARG A 217 3.43 -13.07 -25.27
N PHE A 218 3.67 -11.77 -25.27
CA PHE A 218 2.70 -10.79 -25.83
C PHE A 218 3.18 -10.01 -27.05
N GLY A 219 4.45 -10.18 -27.41
CA GLY A 219 5.03 -9.54 -28.60
C GLY A 219 5.89 -8.33 -28.31
N GLU A 220 6.78 -8.02 -29.25
CA GLU A 220 7.69 -6.87 -29.12
C GLU A 220 6.88 -5.59 -28.93
N GLY A 221 7.34 -4.76 -27.99
CA GLY A 221 6.73 -3.45 -27.69
C GLY A 221 5.57 -3.49 -26.69
N PHE A 222 5.19 -4.69 -26.24
CA PHE A 222 4.05 -4.85 -25.32
C PHE A 222 4.26 -4.10 -24.01
N THR A 223 5.42 -4.24 -23.40
CA THR A 223 5.65 -3.56 -22.11
C THR A 223 5.54 -2.04 -22.25
N LYS A 224 6.12 -1.51 -23.31
CA LYS A 224 5.97 -0.10 -23.65
C LYS A 224 4.50 0.34 -23.83
N GLU A 225 3.71 -0.50 -24.51
CA GLU A 225 2.26 -0.25 -24.75
C GLU A 225 1.50 -0.27 -23.42
N LEU A 226 1.81 -1.27 -22.59
CA LEU A 226 1.20 -1.40 -21.25
C LEU A 226 1.47 -0.16 -20.38
N LYS A 227 2.71 0.27 -20.35
CA LYS A 227 3.09 1.46 -19.59
C LYS A 227 2.32 2.69 -20.09
N SER A 228 2.26 2.80 -21.42
CA SER A 228 1.52 3.87 -22.10
C SER A 228 0.04 3.91 -21.73
N VAL A 229 -0.60 2.77 -21.72
CA VAL A 229 -2.03 2.69 -21.36
C VAL A 229 -2.24 3.22 -19.94
N ILE A 230 -1.40 2.79 -19.03
CA ILE A 230 -1.55 3.19 -17.61
C ILE A 230 -1.28 4.69 -17.45
N LEU A 231 -0.21 5.18 -18.07
CA LEU A 231 0.14 6.60 -17.98
C LEU A 231 -0.85 7.53 -18.69
N ASN A 232 -1.59 6.98 -19.65
CA ASN A 232 -2.51 7.81 -20.46
C ASN A 232 -3.97 7.75 -20.00
N LEU A 233 -4.23 7.02 -18.91
CA LEU A 233 -5.54 7.06 -18.28
C LEU A 233 -5.92 8.51 -17.96
N ASP A 234 -7.14 8.85 -18.37
CA ASP A 234 -7.58 10.23 -18.61
C ASP A 234 -8.86 10.49 -17.79
N ILE A 235 -8.70 11.32 -16.78
CA ILE A 235 -9.80 11.70 -15.83
C ILE A 235 -11.08 12.22 -16.58
N LYS A 236 -10.88 12.75 -17.77
CA LYS A 236 -12.00 13.29 -18.58
C LYS A 236 -12.89 12.27 -19.26
N GLN A 237 -12.45 11.03 -19.27
CA GLN A 237 -13.18 9.92 -19.83
C GLN A 237 -13.87 9.18 -18.70
N LYS A 238 -15.15 8.89 -18.88
CA LYS A 238 -15.95 8.38 -17.77
C LYS A 238 -15.40 7.06 -17.21
N SER A 239 -15.07 6.13 -18.10
CA SER A 239 -14.57 4.83 -17.66
C SER A 239 -13.20 4.94 -17.00
N HIS A 240 -12.38 5.87 -17.45
CA HIS A 240 -11.06 6.08 -16.83
C HIS A 240 -11.20 6.71 -15.48
N LYS A 241 -12.13 7.65 -15.41
CA LYS A 241 -12.43 8.36 -14.15
C LYS A 241 -12.83 7.40 -13.02
N GLN A 242 -13.67 6.43 -13.37
CA GLN A 242 -14.18 5.43 -12.43
C GLN A 242 -13.01 4.68 -11.83
N ILE A 243 -12.04 4.34 -12.67
CA ILE A 243 -10.83 3.62 -12.21
C ILE A 243 -9.98 4.55 -11.34
N LEU A 244 -9.65 5.70 -11.91
CA LEU A 244 -8.78 6.69 -11.23
C LEU A 244 -9.31 7.13 -9.87
N ASP A 245 -10.63 7.32 -9.80
CA ASP A 245 -11.27 7.68 -8.50
C ASP A 245 -11.07 6.57 -7.43
N MET A 246 -11.07 5.32 -7.88
CA MET A 246 -10.81 4.17 -6.97
C MET A 246 -9.39 4.15 -6.44
N PHE A 247 -8.48 4.82 -7.16
CA PHE A 247 -7.06 4.98 -6.73
C PHE A 247 -6.80 6.35 -6.08
N ASN A 248 -7.87 7.15 -5.93
CA ASN A 248 -7.80 8.50 -5.30
C ASN A 248 -6.74 9.37 -5.98
N ALA A 249 -6.76 9.34 -7.30
CA ALA A 249 -5.73 10.00 -8.11
C ALA A 249 -6.33 10.58 -9.37
N LYS A 250 -5.75 11.67 -9.83
CA LYS A 250 -6.14 12.31 -11.12
C LYS A 250 -5.46 11.69 -12.33
N ARG A 251 -4.36 10.99 -12.07
CA ARG A 251 -3.53 10.37 -13.10
C ARG A 251 -2.52 9.40 -12.48
N PHE A 252 -1.98 8.56 -13.34
CA PHE A 252 -0.72 7.85 -13.07
C PHE A 252 0.44 8.57 -13.75
N ILE A 253 1.61 8.46 -13.16
CA ILE A 253 2.86 9.09 -13.62
C ILE A 253 3.99 8.06 -13.60
N LYS A 254 5.08 8.43 -14.24
CA LYS A 254 6.28 7.58 -14.31
C LYS A 254 6.92 7.40 -12.92
N ALA A 255 7.56 6.26 -12.77
CA ALA A 255 8.26 5.90 -11.55
C ALA A 255 9.49 5.13 -11.91
N GLU A 256 10.59 5.33 -11.20
CA GLU A 256 11.80 4.55 -11.45
C GLU A 256 12.33 3.92 -10.17
N SER A 257 13.09 2.84 -10.34
CA SER A 257 13.65 2.04 -9.22
C SER A 257 14.51 2.86 -8.26
N LYS A 258 15.27 3.82 -8.80
CA LYS A 258 16.10 4.74 -8.01
C LYS A 258 15.35 5.41 -6.84
N GLN A 259 14.05 5.63 -7.03
CA GLN A 259 13.30 6.46 -6.08
C GLN A 259 13.03 5.70 -4.76
N TYR A 260 13.23 4.38 -4.77
CA TYR A 260 12.89 3.55 -3.59
C TYR A 260 14.11 3.24 -2.71
N LYS A 261 15.24 3.91 -2.97
CA LYS A 261 16.47 3.75 -2.20
C LYS A 261 16.30 3.95 -0.69
N ASN A 262 15.58 4.99 -0.32
CA ASN A 262 15.35 5.30 1.11
C ASN A 262 14.49 4.22 1.78
N ILE A 263 13.45 3.74 1.07
CA ILE A 263 12.64 2.66 1.64
C ILE A 263 13.50 1.40 1.83
N GLU A 264 14.31 1.10 0.82
CA GLU A 264 15.20 -0.07 0.92
C GLU A 264 16.13 0.05 2.12
N GLU A 265 16.72 1.23 2.28
CA GLU A 265 17.68 1.45 3.40
C GLU A 265 17.03 1.33 4.77
N ILE A 266 15.84 1.90 4.89
CA ILE A 266 15.05 1.79 6.12
C ILE A 266 14.68 0.31 6.36
N GLY A 267 14.24 -0.37 5.30
CA GLY A 267 13.97 -1.83 5.36
C GLY A 267 15.16 -2.63 5.88
N ARG A 268 16.36 -2.32 5.38
CA ARG A 268 17.54 -3.03 5.85
C ARG A 268 17.79 -2.79 7.34
N LYS A 269 17.67 -1.53 7.74
CA LYS A 269 17.94 -1.16 9.13
C LYS A 269 16.99 -1.83 10.10
N LEU A 270 15.75 -2.01 9.66
CA LEU A 270 14.73 -2.67 10.50
C LEU A 270 14.60 -4.19 10.24
N ASN A 271 15.54 -4.74 9.47
CA ASN A 271 15.57 -6.15 9.15
C ASN A 271 14.26 -6.65 8.50
N LYS A 272 13.75 -5.82 7.60
CA LYS A 272 12.48 -6.07 6.92
C LYS A 272 12.54 -6.28 5.44
N ILE A 273 13.72 -6.52 4.91
CA ILE A 273 13.83 -6.84 3.51
C ILE A 273 13.44 -8.33 3.33
N ARG A 274 13.81 -9.14 4.32
CA ARG A 274 13.33 -10.52 4.40
C ARG A 274 11.83 -10.47 4.59
N LEU A 275 11.11 -11.39 3.94
CA LEU A 275 9.65 -11.36 3.99
C LEU A 275 9.10 -11.64 5.38
P PO3 B . 1.70 -0.07 1.87
O1 PO3 B . 1.85 1.41 2.37
O2 PO3 B . 3.06 -0.84 1.70
O3 PO3 B . 0.68 -0.86 2.75
#